data_2KRQ
#
_entry.id   2KRQ
#
_entity_poly.entity_id   1
_entity_poly.type   'polyribonucleotide'
_entity_poly.pdbx_seq_one_letter_code
;CUCGGCUICGAACCGAG
;
_entity_poly.pdbx_strand_id   A
#
loop_
_chem_comp.id
_chem_comp.type
_chem_comp.name
_chem_comp.formula
A RNA linking ADENOSINE-5'-MONOPHOSPHATE 'C10 H14 N5 O7 P'
C RNA linking CYTIDINE-5'-MONOPHOSPHATE 'C9 H14 N3 O8 P'
G RNA linking GUANOSINE-5'-MONOPHOSPHATE 'C10 H14 N5 O8 P'
I RNA linking 'INOSINIC ACID' 'C10 H13 N4 O8 P'
U RNA linking URIDINE-5'-MONOPHOSPHATE 'C9 H13 N2 O9 P'
#